data_6OCJ
#
_entry.id   6OCJ
#
_cell.length_a   95.261
_cell.length_b   95.261
_cell.length_c   144.533
_cell.angle_alpha   90.00
_cell.angle_beta   90.00
_cell.angle_gamma   120.00
#
_symmetry.space_group_name_H-M   'P 61'
#
loop_
_entity.id
_entity.type
_entity.pdbx_description
1 polymer 'Serum albumin'
2 non-polymer '(2S)-2-[4-(thiophene-2-carbonyl)phenyl]propanoic acid'
3 non-polymer 'MALONATE ION'
4 non-polymer 'SUCCINIC ACID'
5 non-polymer 'ACETATE ION'
6 water water
#
_entity_poly.entity_id   1
_entity_poly.type   'polypeptide(L)'
_entity_poly.pdbx_seq_one_letter_code
;DTHKSEIAHRFNDLGEKHFKGLVLVAFSQYLQQCPFEDHVKLVNEVTEFAKKCAADESAENCDKSLHTLFGDKLCTVATL
RATYGELADCCEKQEPERNECFLTHKDDHPNLPKLKPEPDAQCAAFQEDPDKFLGKYLYEVARRHPYFYGPELLFHAEEY
KADFTECCPADDKAGCLIPKLDALKERILLSSAKERLKCSSFQNFGERAVKAWSVARLSQKFPKADFAEVSKIVTDLTKV
HKECCHGDLLECADDRADLAKYICEHQDSISGKLKACCDKPLLQKSHCIAEVKEDDLPSDLPALAADFAEDKEICKHYKD
AKDVFLGTFLYEYSRRHPDYSVSLLLRIAKTYEATLEKCCAEADPPACYATVFDQFTPLVEEPKSLVKKNCDLFEEVGEY
DFQNALIVRYTKKAPQVSTPTLVEIGRTLGKVGSRCCKLPESERLPCSENHLALALNRLCVLHEKTPVSEKITKCCTDSL
AERRPCFSALELDEGYVPKEFKAETFTFHADICTLPEDEKQIKKQSALAELVKHKPKATKEQLKTVLGNFSAFVAKCCGA
EDKEACFAEEGPKLVASSQLALA
;
_entity_poly.pdbx_strand_id   A
#
# COMPACT_ATOMS: atom_id res chain seq x y z
N HIS A 3 -14.01 -26.94 -17.78
CA HIS A 3 -14.27 -27.69 -16.54
C HIS A 3 -15.61 -27.29 -15.92
N LYS A 4 -16.56 -28.24 -15.85
CA LYS A 4 -17.92 -27.92 -15.45
C LYS A 4 -18.04 -27.63 -13.97
N SER A 5 -17.09 -28.07 -13.16
CA SER A 5 -17.01 -27.68 -11.76
C SER A 5 -15.81 -26.76 -11.52
N GLU A 6 -16.07 -25.44 -11.53
CA GLU A 6 -15.03 -24.47 -11.26
C GLU A 6 -14.45 -24.60 -9.86
N ILE A 7 -15.19 -25.14 -8.91
CA ILE A 7 -14.67 -25.29 -7.56
C ILE A 7 -13.73 -26.49 -7.48
N ALA A 8 -14.12 -27.61 -8.09
CA ALA A 8 -13.22 -28.75 -8.23
C ALA A 8 -11.92 -28.32 -8.87
N HIS A 9 -12.03 -27.70 -10.05
CA HIS A 9 -10.88 -27.24 -10.80
C HIS A 9 -9.89 -26.51 -9.91
N ARG A 10 -10.36 -25.51 -9.13
CA ARG A 10 -9.45 -24.84 -8.20
C ARG A 10 -8.98 -25.77 -7.09
N PHE A 11 -9.81 -26.72 -6.64
CA PHE A 11 -9.33 -27.55 -5.54
C PHE A 11 -8.14 -28.38 -5.98
N ASN A 12 -8.26 -29.06 -7.14
CA ASN A 12 -7.16 -29.91 -7.59
C ASN A 12 -5.96 -29.08 -7.97
N ASP A 13 -6.19 -27.90 -8.51
CA ASP A 13 -5.05 -27.10 -8.91
C ASP A 13 -4.25 -26.62 -7.72
N LEU A 14 -4.90 -26.35 -6.57
CA LEU A 14 -4.23 -25.54 -5.56
C LEU A 14 -3.67 -26.33 -4.42
N GLY A 15 -4.32 -27.43 -4.06
CA GLY A 15 -3.83 -28.22 -2.97
C GLY A 15 -4.49 -27.75 -1.70
N GLU A 16 -4.80 -28.69 -0.82
CA GLU A 16 -5.78 -28.44 0.23
C GLU A 16 -5.37 -27.26 1.10
N LYS A 17 -4.13 -27.27 1.57
CA LYS A 17 -3.61 -26.26 2.47
C LYS A 17 -3.85 -24.88 1.89
N HIS A 18 -3.07 -24.55 0.85
CA HIS A 18 -3.22 -23.29 0.17
C HIS A 18 -4.69 -23.00 -0.12
N PHE A 19 -5.42 -24.00 -0.55
CA PHE A 19 -6.84 -23.78 -0.76
C PHE A 19 -7.51 -23.31 0.53
N LYS A 20 -7.44 -24.14 1.59
CA LYS A 20 -7.99 -23.72 2.88
C LYS A 20 -7.33 -22.45 3.37
N GLY A 21 -6.02 -22.32 3.18
CA GLY A 21 -5.35 -21.08 3.53
C GLY A 21 -5.95 -19.86 2.84
N LEU A 22 -6.16 -19.95 1.52
CA LEU A 22 -6.77 -18.83 0.82
C LEU A 22 -8.22 -18.65 1.21
N VAL A 23 -8.82 -19.64 1.83
CA VAL A 23 -10.21 -19.48 2.19
C VAL A 23 -10.35 -18.68 3.48
N LEU A 24 -9.58 -19.06 4.50
CA LEU A 24 -9.52 -18.31 5.75
C LEU A 24 -9.24 -16.85 5.51
N VAL A 25 -8.23 -16.57 4.67
CA VAL A 25 -7.89 -15.20 4.31
C VAL A 25 -9.04 -14.52 3.58
N ALA A 26 -9.64 -15.22 2.60
CA ALA A 26 -10.82 -14.67 1.96
C ALA A 26 -11.87 -14.29 2.97
N PHE A 27 -12.06 -15.10 4.01
CA PHE A 27 -13.08 -14.85 5.03
C PHE A 27 -12.66 -13.79 6.04
N SER A 28 -11.49 -13.93 6.69
CA SER A 28 -10.99 -12.88 7.57
C SER A 28 -11.00 -11.51 6.91
N GLN A 29 -10.92 -11.45 5.59
CA GLN A 29 -11.04 -10.15 4.92
C GLN A 29 -12.48 -9.67 4.82
N TYR A 30 -13.42 -10.54 4.46
CA TYR A 30 -14.78 -10.06 4.26
C TYR A 30 -15.52 -9.77 5.57
N LEU A 31 -15.22 -10.55 6.61
CA LEU A 31 -15.80 -10.41 7.96
C LEU A 31 -14.61 -10.20 8.87
N GLN A 32 -14.38 -8.97 9.29
CA GLN A 32 -13.08 -8.76 9.94
C GLN A 32 -13.09 -8.89 11.46
N GLN A 33 -14.24 -8.76 12.14
CA GLN A 33 -14.24 -8.87 13.59
C GLN A 33 -14.94 -10.16 14.08
N CYS A 34 -15.08 -11.18 13.20
CA CYS A 34 -15.52 -12.49 13.64
C CYS A 34 -14.38 -13.19 14.35
N PRO A 35 -14.67 -13.88 15.47
CA PRO A 35 -13.64 -14.66 16.15
C PRO A 35 -13.02 -15.69 15.22
N PHE A 36 -11.89 -16.21 15.68
CA PHE A 36 -11.01 -17.01 14.82
C PHE A 36 -11.64 -18.37 14.48
N GLU A 37 -11.94 -19.20 15.49
CA GLU A 37 -12.53 -20.53 15.26
C GLU A 37 -13.92 -20.45 14.60
N ASP A 38 -14.62 -19.33 14.74
CA ASP A 38 -15.79 -19.08 13.91
C ASP A 38 -15.41 -19.12 12.43
N HIS A 39 -14.36 -18.41 12.06
CA HIS A 39 -13.88 -18.43 10.69
C HIS A 39 -13.47 -19.83 10.22
N VAL A 40 -12.59 -20.50 10.98
CA VAL A 40 -12.17 -21.87 10.76
C VAL A 40 -13.31 -22.77 10.31
N LYS A 41 -14.39 -22.79 11.09
CA LYS A 41 -15.57 -23.55 10.72
C LYS A 41 -15.95 -23.29 9.26
N LEU A 42 -16.25 -22.03 8.93
CA LEU A 42 -16.67 -21.70 7.58
C LEU A 42 -15.78 -22.30 6.50
N VAL A 43 -14.46 -22.35 6.74
CA VAL A 43 -13.54 -22.92 5.76
C VAL A 43 -13.91 -24.38 5.46
N ASN A 44 -14.02 -25.19 6.52
CA ASN A 44 -14.39 -26.60 6.36
C ASN A 44 -15.65 -26.75 5.52
N GLU A 45 -16.71 -26.00 5.85
CA GLU A 45 -18.00 -26.19 5.20
C GLU A 45 -17.90 -25.98 3.70
N VAL A 46 -17.03 -25.07 3.26
CA VAL A 46 -16.78 -24.94 1.82
C VAL A 46 -15.73 -25.95 1.38
N THR A 47 -14.68 -26.18 2.18
CA THR A 47 -13.66 -27.13 1.78
C THR A 47 -14.28 -28.49 1.53
N GLU A 48 -15.20 -28.88 2.41
CA GLU A 48 -15.91 -30.15 2.29
C GLU A 48 -16.64 -30.25 0.96
N PHE A 49 -17.36 -29.20 0.57
CA PHE A 49 -18.13 -29.25 -0.68
C PHE A 49 -17.23 -29.48 -1.87
N ALA A 50 -16.05 -28.86 -1.86
CA ALA A 50 -15.18 -28.97 -3.01
C ALA A 50 -14.79 -30.41 -3.23
N LYS A 51 -14.71 -31.18 -2.16
CA LYS A 51 -14.34 -32.59 -2.30
C LYS A 51 -15.36 -33.37 -3.13
N LYS A 52 -16.66 -33.21 -2.82
CA LYS A 52 -17.71 -33.94 -3.55
C LYS A 52 -17.61 -33.68 -5.04
N CYS A 53 -17.32 -32.43 -5.40
CA CYS A 53 -17.17 -32.10 -6.81
C CYS A 53 -15.87 -32.66 -7.37
N ALA A 54 -14.77 -32.50 -6.63
CA ALA A 54 -13.50 -33.07 -7.06
C ALA A 54 -13.64 -34.54 -7.39
N ALA A 55 -14.55 -35.22 -6.71
CA ALA A 55 -14.77 -36.62 -7.01
C ALA A 55 -15.93 -36.83 -7.98
N ASP A 56 -16.91 -35.94 -8.00
CA ASP A 56 -18.01 -36.06 -8.96
C ASP A 56 -18.54 -34.68 -9.30
N GLU A 57 -18.12 -34.17 -10.47
CA GLU A 57 -18.51 -32.83 -10.91
C GLU A 57 -20.00 -32.74 -11.21
N SER A 58 -20.60 -33.84 -11.69
CA SER A 58 -21.99 -33.85 -12.11
C SER A 58 -22.95 -33.49 -10.99
N ALA A 59 -22.53 -33.62 -9.72
CA ALA A 59 -23.39 -33.30 -8.59
C ALA A 59 -23.89 -31.85 -8.71
N GLU A 60 -25.12 -31.62 -8.24
CA GLU A 60 -25.69 -30.28 -8.35
C GLU A 60 -25.01 -29.31 -7.41
N ASN A 61 -24.94 -28.04 -7.84
CA ASN A 61 -24.35 -26.91 -7.11
C ASN A 61 -22.83 -26.84 -7.33
N CYS A 62 -22.25 -27.94 -7.81
CA CYS A 62 -20.84 -27.92 -8.17
C CYS A 62 -20.59 -27.14 -9.46
N ASP A 63 -21.64 -26.80 -10.23
CA ASP A 63 -21.49 -26.13 -11.51
C ASP A 63 -21.57 -24.60 -11.43
N LYS A 64 -21.80 -24.03 -10.25
CA LYS A 64 -22.07 -22.61 -10.05
C LYS A 64 -20.77 -21.84 -9.75
N SER A 65 -20.84 -20.51 -9.92
CA SER A 65 -19.69 -19.62 -9.76
C SER A 65 -19.11 -19.72 -8.36
N LEU A 66 -17.80 -19.54 -8.26
CA LEU A 66 -17.18 -19.50 -6.94
C LEU A 66 -17.91 -18.51 -6.02
N HIS A 67 -18.17 -17.29 -6.53
CA HIS A 67 -18.88 -16.26 -5.78
C HIS A 67 -20.20 -16.79 -5.24
N THR A 68 -21.10 -17.17 -6.14
CA THR A 68 -22.32 -17.86 -5.73
C THR A 68 -22.02 -18.78 -4.56
N LEU A 69 -21.12 -19.74 -4.76
CA LEU A 69 -20.85 -20.73 -3.74
C LEU A 69 -20.06 -20.19 -2.55
N PHE A 70 -19.67 -18.92 -2.55
CA PHE A 70 -18.97 -18.34 -1.40
C PHE A 70 -19.84 -17.32 -0.67
N GLY A 71 -20.36 -16.31 -1.37
CA GLY A 71 -21.25 -15.38 -0.71
C GLY A 71 -22.47 -16.05 -0.14
N ASP A 72 -22.91 -17.15 -0.77
CA ASP A 72 -23.94 -17.97 -0.13
C ASP A 72 -23.50 -18.36 1.26
N LYS A 73 -22.25 -18.81 1.40
CA LYS A 73 -21.81 -19.24 2.73
C LYS A 73 -21.78 -18.07 3.72
N LEU A 74 -21.41 -16.86 3.28
CA LEU A 74 -21.40 -15.69 4.18
C LEU A 74 -22.78 -15.42 4.75
N CYS A 75 -23.81 -15.42 3.90
CA CYS A 75 -25.14 -15.03 4.36
C CYS A 75 -25.62 -15.89 5.50
N THR A 76 -25.41 -17.21 5.41
CA THR A 76 -26.05 -18.12 6.35
C THR A 76 -25.59 -17.88 7.78
N VAL A 77 -24.36 -17.37 7.94
CA VAL A 77 -23.74 -17.37 9.26
C VAL A 77 -24.56 -16.54 10.25
N ALA A 78 -24.53 -16.98 11.50
CA ALA A 78 -25.14 -16.25 12.61
C ALA A 78 -24.31 -15.00 12.92
N THR A 79 -24.92 -14.08 13.66
CA THR A 79 -24.27 -12.88 14.20
C THR A 79 -23.71 -11.96 13.12
N LEU A 80 -23.98 -12.23 11.83
CA LEU A 80 -23.49 -11.36 10.77
C LEU A 80 -24.17 -9.99 10.78
N ARG A 81 -25.47 -9.94 11.10
CA ARG A 81 -26.17 -8.65 11.19
C ARG A 81 -25.83 -7.90 12.48
N ALA A 82 -25.74 -8.61 13.61
CA ALA A 82 -25.56 -7.95 14.90
C ALA A 82 -24.13 -7.47 15.09
N THR A 83 -23.17 -8.14 14.46
CA THR A 83 -21.79 -7.66 14.34
C THR A 83 -21.59 -6.68 13.19
N TYR A 84 -21.95 -7.04 11.94
CA TYR A 84 -21.57 -6.22 10.78
C TYR A 84 -22.68 -5.32 10.24
N GLY A 85 -23.95 -5.52 10.62
CA GLY A 85 -25.04 -4.65 10.15
C GLY A 85 -25.30 -4.57 8.66
N GLU A 86 -25.19 -3.36 8.09
CA GLU A 86 -25.39 -3.14 6.64
C GLU A 86 -24.84 -4.27 5.79
N LEU A 87 -23.73 -4.89 6.23
CA LEU A 87 -23.20 -6.06 5.54
C LEU A 87 -24.29 -7.09 5.31
N ALA A 88 -25.05 -7.41 6.36
CA ALA A 88 -26.22 -8.27 6.22
C ALA A 88 -27.19 -7.86 5.10
N ASP A 89 -27.13 -6.61 4.62
CA ASP A 89 -28.11 -6.19 3.62
C ASP A 89 -27.77 -6.72 2.26
N CYS A 90 -26.50 -6.97 2.04
CA CYS A 90 -26.05 -7.38 0.72
C CYS A 90 -26.60 -8.72 0.29
N CYS A 91 -27.24 -9.46 1.19
CA CYS A 91 -27.58 -10.83 0.84
C CYS A 91 -28.82 -10.91 -0.04
N GLU A 92 -29.76 -9.98 0.16
CA GLU A 92 -30.88 -9.92 -0.76
C GLU A 92 -30.42 -9.69 -2.18
N LYS A 93 -29.27 -9.02 -2.36
CA LYS A 93 -28.65 -8.85 -3.66
C LYS A 93 -28.21 -10.18 -4.24
N GLN A 94 -27.86 -10.16 -5.54
CA GLN A 94 -27.45 -11.36 -6.28
C GLN A 94 -26.10 -11.12 -6.95
N GLU A 95 -25.67 -12.09 -7.70
CA GLU A 95 -24.46 -11.74 -8.43
C GLU A 95 -24.83 -11.14 -9.78
N PRO A 96 -24.06 -10.18 -10.31
CA PRO A 96 -22.78 -9.65 -9.82
C PRO A 96 -22.77 -8.66 -8.63
N GLU A 97 -23.92 -8.24 -8.11
CA GLU A 97 -23.89 -7.09 -7.23
C GLU A 97 -23.55 -7.45 -5.80
N ARG A 98 -23.69 -8.72 -5.44
CA ARG A 98 -23.47 -9.13 -4.06
C ARG A 98 -22.04 -8.85 -3.64
N ASN A 99 -21.08 -9.35 -4.44
CA ASN A 99 -19.69 -9.05 -4.16
C ASN A 99 -19.45 -7.53 -4.19
N GLU A 100 -19.75 -6.88 -5.33
CA GLU A 100 -19.74 -5.42 -5.38
C GLU A 100 -20.09 -4.83 -4.02
N CYS A 101 -21.24 -5.26 -3.48
CA CYS A 101 -21.77 -4.72 -2.24
C CYS A 101 -20.91 -5.09 -1.05
N PHE A 102 -20.56 -6.38 -0.95
CA PHE A 102 -19.67 -6.85 0.10
C PHE A 102 -18.38 -6.06 0.14
N LEU A 103 -17.60 -6.09 -0.96
CA LEU A 103 -16.37 -5.30 -1.11
C LEU A 103 -16.51 -3.89 -0.56
N THR A 104 -17.61 -3.24 -0.93
CA THR A 104 -17.92 -1.94 -0.38
C THR A 104 -17.71 -1.93 1.12
N HIS A 105 -18.24 -2.94 1.81
CA HIS A 105 -18.25 -2.88 3.27
C HIS A 105 -17.01 -3.48 3.92
N LYS A 106 -15.89 -3.57 3.17
CA LYS A 106 -14.57 -3.89 3.74
C LYS A 106 -13.96 -2.64 4.34
N ASP A 107 -13.43 -2.77 5.54
CA ASP A 107 -13.10 -1.61 6.38
C ASP A 107 -11.60 -1.35 6.36
N ASP A 108 -11.20 -0.27 5.70
CA ASP A 108 -9.79 0.06 5.56
C ASP A 108 -9.17 0.62 6.84
N HIS A 109 -9.97 1.11 7.79
CA HIS A 109 -9.43 1.61 9.08
C HIS A 109 -10.16 0.95 10.25
N PRO A 110 -9.78 -0.29 10.60
CA PRO A 110 -10.64 -1.11 11.47
C PRO A 110 -10.50 -0.83 12.96
N ASN A 111 -9.38 -0.24 13.38
CA ASN A 111 -9.10 0.12 14.77
C ASN A 111 -9.21 -1.10 15.66
N LEU A 112 -8.78 -2.26 15.13
CA LEU A 112 -8.58 -3.38 16.01
C LEU A 112 -7.23 -3.22 16.69
N PRO A 113 -7.06 -3.84 17.86
CA PRO A 113 -5.88 -3.57 18.68
C PRO A 113 -4.65 -4.23 18.12
N LYS A 114 -3.49 -3.69 18.51
CA LYS A 114 -2.22 -4.09 17.92
C LYS A 114 -1.94 -5.59 18.14
N LEU A 115 -1.05 -6.13 17.31
CA LEU A 115 -0.49 -7.47 17.51
C LEU A 115 0.77 -7.32 18.33
N LYS A 116 0.76 -7.84 19.56
CA LYS A 116 1.95 -7.68 20.38
C LYS A 116 2.87 -8.89 20.20
N PRO A 117 4.18 -8.67 19.99
CA PRO A 117 5.14 -9.80 19.92
C PRO A 117 5.51 -10.25 21.32
N GLU A 118 5.18 -11.51 21.65
CA GLU A 118 5.23 -12.07 23.01
C GLU A 118 6.20 -13.24 23.11
N PRO A 119 7.53 -12.98 23.08
CA PRO A 119 8.50 -14.07 22.93
C PRO A 119 8.33 -15.23 23.92
N ASP A 120 7.73 -14.99 25.09
CA ASP A 120 7.37 -16.11 25.95
C ASP A 120 5.97 -16.65 25.61
N ALA A 121 4.94 -15.81 25.80
CA ALA A 121 3.56 -16.26 25.91
C ALA A 121 2.94 -16.73 24.60
N GLN A 122 3.56 -16.47 23.45
CA GLN A 122 2.97 -16.85 22.18
C GLN A 122 3.54 -18.13 21.58
N CYS A 123 4.76 -18.52 21.94
CA CYS A 123 5.20 -19.88 21.64
C CYS A 123 4.29 -20.92 22.30
N ALA A 124 3.45 -20.49 23.24
CA ALA A 124 2.47 -21.39 23.84
C ALA A 124 1.63 -22.05 22.76
N ALA A 125 1.03 -21.23 21.88
CA ALA A 125 0.26 -21.77 20.77
C ALA A 125 1.15 -22.39 19.69
N PHE A 126 2.44 -22.06 19.67
CA PHE A 126 3.36 -22.60 18.65
C PHE A 126 3.66 -24.07 18.93
N GLN A 127 4.19 -24.34 20.13
CA GLN A 127 4.42 -25.72 20.52
C GLN A 127 3.10 -26.49 20.69
N GLU A 128 2.04 -25.79 21.10
CA GLU A 128 0.68 -26.33 21.11
C GLU A 128 0.19 -26.86 19.76
N ASP A 129 -0.01 -25.96 18.80
CA ASP A 129 -0.55 -26.34 17.49
C ASP A 129 -0.05 -25.36 16.44
N PRO A 130 0.77 -25.84 15.50
CA PRO A 130 0.99 -25.04 14.28
C PRO A 130 -0.31 -24.68 13.57
N ASP A 131 -1.14 -25.67 13.20
CA ASP A 131 -2.32 -25.44 12.34
C ASP A 131 -3.26 -24.35 12.87
N LYS A 132 -3.15 -23.96 14.14
CA LYS A 132 -3.89 -22.82 14.62
C LYS A 132 -3.02 -21.63 14.97
N PHE A 133 -1.69 -21.78 15.00
CA PHE A 133 -0.84 -20.61 15.17
C PHE A 133 -0.60 -19.91 13.84
N LEU A 134 -0.36 -20.66 12.74
CA LEU A 134 -0.33 -20.06 11.41
C LEU A 134 -1.72 -19.60 10.99
N GLY A 135 -2.73 -20.44 11.22
CA GLY A 135 -4.08 -20.04 10.89
C GLY A 135 -4.50 -18.80 11.64
N LYS A 136 -4.06 -18.67 12.90
CA LYS A 136 -4.35 -17.46 13.65
C LYS A 136 -3.80 -16.24 12.94
N TYR A 137 -2.48 -16.25 12.70
CA TYR A 137 -1.77 -15.14 12.09
C TYR A 137 -2.39 -14.71 10.76
N LEU A 138 -2.78 -15.67 9.92
CA LEU A 138 -3.47 -15.33 8.68
C LEU A 138 -4.81 -14.66 8.94
N TYR A 139 -5.54 -15.17 9.91
CA TYR A 139 -6.74 -14.49 10.32
C TYR A 139 -6.40 -13.08 10.80
N GLU A 140 -5.32 -12.97 11.60
CA GLU A 140 -4.99 -11.73 12.30
C GLU A 140 -4.43 -10.67 11.36
N VAL A 141 -3.81 -11.06 10.26
CA VAL A 141 -3.37 -10.05 9.31
C VAL A 141 -4.43 -9.78 8.26
N ALA A 142 -5.17 -10.80 7.84
CA ALA A 142 -6.18 -10.56 6.82
C ALA A 142 -7.21 -9.56 7.29
N ARG A 143 -7.50 -9.54 8.58
CA ARG A 143 -8.58 -8.70 9.09
C ARG A 143 -8.16 -7.24 9.21
N ARG A 144 -6.92 -6.99 9.58
CA ARG A 144 -6.42 -5.63 9.58
C ARG A 144 -5.96 -5.16 8.20
N HIS A 145 -6.15 -5.92 7.11
CA HIS A 145 -5.78 -5.48 5.76
C HIS A 145 -6.70 -6.14 4.74
N PRO A 146 -7.92 -5.63 4.61
CA PRO A 146 -8.91 -6.29 3.75
C PRO A 146 -8.52 -6.44 2.32
N TYR A 147 -7.52 -5.71 1.84
CA TYR A 147 -7.19 -5.88 0.43
C TYR A 147 -5.83 -6.53 0.25
N PHE A 148 -5.33 -7.23 1.25
CA PHE A 148 -3.98 -7.76 1.19
C PHE A 148 -3.92 -8.79 0.08
N TYR A 149 -2.79 -8.80 -0.62
CA TYR A 149 -2.58 -9.66 -1.77
C TYR A 149 -2.72 -11.09 -1.31
N GLY A 150 -3.87 -11.68 -1.55
CA GLY A 150 -4.18 -13.02 -1.07
C GLY A 150 -3.09 -14.07 -0.97
N PRO A 151 -2.45 -14.38 -2.11
CA PRO A 151 -1.34 -15.36 -2.09
C PRO A 151 -0.07 -14.88 -1.39
N GLU A 152 0.25 -13.57 -1.40
CA GLU A 152 1.42 -13.12 -0.66
C GLU A 152 1.28 -13.33 0.84
N LEU A 153 0.05 -13.36 1.33
CA LEU A 153 -0.13 -13.56 2.77
C LEU A 153 0.29 -14.96 3.18
N LEU A 154 -0.18 -15.98 2.45
CA LEU A 154 0.23 -17.35 2.77
C LEU A 154 1.74 -17.44 2.79
N PHE A 155 2.42 -16.56 2.06
CA PHE A 155 3.86 -16.62 2.08
C PHE A 155 4.42 -16.00 3.34
N HIS A 156 3.88 -14.85 3.75
CA HIS A 156 4.28 -14.25 5.01
C HIS A 156 4.01 -15.21 6.18
N ALA A 157 2.86 -15.88 6.19
CA ALA A 157 2.58 -16.83 7.27
C ALA A 157 3.76 -17.79 7.45
N GLU A 158 4.26 -18.35 6.37
CA GLU A 158 5.38 -19.25 6.49
C GLU A 158 6.68 -18.54 6.87
N GLU A 159 6.79 -17.23 6.67
CA GLU A 159 7.85 -16.52 7.35
C GLU A 159 7.61 -16.52 8.85
N TYR A 160 6.36 -16.30 9.26
CA TYR A 160 6.00 -16.34 10.68
C TYR A 160 6.38 -17.69 11.29
N LYS A 161 5.96 -18.77 10.64
CA LYS A 161 6.25 -20.12 11.13
C LYS A 161 7.74 -20.27 11.39
N ALA A 162 8.54 -20.06 10.34
CA ALA A 162 9.96 -20.36 10.38
C ALA A 162 10.76 -19.52 11.38
N ASP A 163 10.24 -18.38 11.82
CA ASP A 163 11.03 -17.53 12.70
C ASP A 163 10.99 -18.00 14.14
N PHE A 164 9.85 -18.55 14.58
CA PHE A 164 9.77 -19.15 15.92
C PHE A 164 10.57 -20.44 15.97
N THR A 165 10.48 -21.24 14.91
CA THR A 165 11.34 -22.38 14.66
C THR A 165 12.76 -22.13 15.12
N GLU A 166 13.39 -21.08 14.59
CA GLU A 166 14.79 -20.85 14.90
C GLU A 166 15.02 -20.51 16.35
N CYS A 167 14.01 -19.98 17.04
CA CYS A 167 14.24 -19.53 18.41
C CYS A 167 12.96 -19.40 19.22
N CYS A 168 12.29 -20.52 19.53
CA CYS A 168 11.25 -20.50 20.55
C CYS A 168 11.78 -21.09 21.87
N PRO A 169 12.34 -22.30 21.88
CA PRO A 169 12.99 -22.77 23.10
C PRO A 169 14.42 -22.28 23.26
N ALA A 170 14.92 -21.44 22.35
CA ALA A 170 16.28 -20.93 22.43
C ALA A 170 16.46 -20.08 23.69
N ASP A 171 17.71 -20.04 24.18
CA ASP A 171 18.02 -19.45 25.49
C ASP A 171 17.57 -18.00 25.61
N ASP A 172 18.14 -17.11 24.79
CA ASP A 172 17.81 -15.69 24.80
C ASP A 172 16.63 -15.48 23.87
N LYS A 173 15.42 -15.63 24.41
CA LYS A 173 14.19 -15.65 23.63
C LYS A 173 14.04 -14.44 22.71
N ALA A 174 13.88 -13.25 23.28
CA ALA A 174 13.57 -12.05 22.50
C ALA A 174 14.80 -11.43 21.83
N GLY A 175 15.96 -12.09 21.90
CA GLY A 175 17.13 -11.57 21.24
C GLY A 175 17.15 -11.99 19.79
N CYS A 176 16.80 -13.25 19.55
CA CYS A 176 16.66 -13.75 18.20
C CYS A 176 15.32 -13.33 17.59
N LEU A 177 14.26 -13.33 18.41
CA LEU A 177 12.90 -13.31 17.88
C LEU A 177 12.47 -11.89 17.50
N ILE A 178 12.34 -11.01 18.48
CA ILE A 178 11.69 -9.72 18.31
C ILE A 178 12.29 -8.91 17.17
N PRO A 179 13.63 -8.86 17.01
CA PRO A 179 14.18 -8.27 15.77
C PRO A 179 13.63 -8.89 14.48
N LYS A 180 13.18 -10.13 14.51
CA LYS A 180 12.60 -10.69 13.30
C LYS A 180 11.16 -10.25 13.11
N LEU A 181 10.33 -10.46 14.14
CA LEU A 181 8.89 -10.18 13.97
C LEU A 181 8.70 -8.71 13.67
N ASP A 182 9.56 -7.88 14.19
CA ASP A 182 9.47 -6.45 13.92
C ASP A 182 9.70 -6.18 12.44
N ALA A 183 10.88 -6.54 11.93
CA ALA A 183 11.14 -6.48 10.49
C ALA A 183 9.96 -6.96 9.67
N LEU A 184 9.43 -8.13 10.04
CA LEU A 184 8.29 -8.68 9.34
C LEU A 184 7.12 -7.71 9.37
N LYS A 185 6.70 -7.32 10.57
CA LYS A 185 5.61 -6.35 10.72
C LYS A 185 5.73 -5.24 9.68
N GLU A 186 6.92 -4.67 9.57
CA GLU A 186 7.15 -3.68 8.55
C GLU A 186 6.80 -4.22 7.18
N ARG A 187 7.39 -5.35 6.79
CA ARG A 187 7.18 -5.87 5.44
C ARG A 187 5.72 -6.10 5.12
N ILE A 188 4.92 -6.53 6.10
CA ILE A 188 3.47 -6.66 5.87
C ILE A 188 2.89 -5.31 5.45
N LEU A 189 3.15 -4.28 6.25
CA LEU A 189 2.49 -3.01 6.04
C LEU A 189 2.84 -2.42 4.69
N LEU A 190 4.11 -2.53 4.29
CA LEU A 190 4.54 -2.10 2.97
C LEU A 190 3.81 -2.89 1.89
N SER A 191 3.73 -4.22 2.06
CA SER A 191 3.12 -5.03 1.02
C SER A 191 1.64 -4.69 0.92
N SER A 192 0.97 -4.63 2.05
CA SER A 192 -0.41 -4.16 2.08
C SER A 192 -0.57 -2.80 1.39
N ALA A 193 0.34 -1.86 1.66
CA ALA A 193 0.24 -0.58 0.97
C ALA A 193 0.45 -0.75 -0.53
N LYS A 194 1.45 -1.54 -0.95
CA LYS A 194 1.63 -1.76 -2.39
C LYS A 194 0.35 -2.29 -3.02
N GLU A 195 -0.28 -3.27 -2.38
CA GLU A 195 -1.41 -3.88 -3.06
C GLU A 195 -2.60 -2.96 -2.99
N ARG A 196 -2.79 -2.28 -1.87
CA ARG A 196 -3.97 -1.42 -1.76
C ARG A 196 -4.00 -0.47 -2.92
N LEU A 197 -2.81 -0.03 -3.34
CA LEU A 197 -2.66 0.90 -4.45
C LEU A 197 -3.01 0.24 -5.77
N LYS A 198 -2.68 -1.04 -5.94
CA LYS A 198 -3.09 -1.67 -7.19
C LYS A 198 -4.63 -1.72 -7.30
N CYS A 199 -5.31 -2.13 -6.23
CA CYS A 199 -6.77 -2.16 -6.23
C CYS A 199 -7.34 -0.76 -6.34
N SER A 200 -6.77 0.17 -5.59
CA SER A 200 -7.25 1.55 -5.68
C SER A 200 -7.24 2.06 -7.11
N SER A 201 -6.28 1.60 -7.94
CA SER A 201 -6.20 2.11 -9.30
C SER A 201 -7.22 1.46 -10.20
N PHE A 202 -7.42 0.14 -10.08
CA PHE A 202 -8.52 -0.50 -10.83
C PHE A 202 -9.81 0.25 -10.58
N GLN A 203 -10.08 0.48 -9.31
CA GLN A 203 -11.34 1.01 -8.79
C GLN A 203 -11.56 2.49 -9.12
N ASN A 204 -10.51 3.28 -9.32
CA ASN A 204 -10.62 4.72 -9.63
C ASN A 204 -10.36 5.09 -11.07
N PHE A 205 -9.54 4.33 -11.80
CA PHE A 205 -9.03 4.70 -13.11
C PHE A 205 -9.06 3.55 -14.11
N GLY A 206 -9.42 2.33 -13.65
CA GLY A 206 -9.63 1.20 -14.52
C GLY A 206 -8.34 0.54 -14.91
N GLU A 207 -8.48 -0.49 -15.78
CA GLU A 207 -7.36 -1.33 -16.20
C GLU A 207 -6.29 -0.53 -16.92
N ARG A 208 -6.66 0.39 -17.80
CA ARG A 208 -5.65 1.05 -18.60
C ARG A 208 -4.59 1.69 -17.72
N ALA A 209 -4.95 2.13 -16.52
CA ALA A 209 -3.97 2.74 -15.64
C ALA A 209 -3.06 1.70 -15.02
N VAL A 210 -3.63 0.62 -14.49
CA VAL A 210 -2.78 -0.48 -13.99
C VAL A 210 -1.80 -0.97 -15.06
N LYS A 211 -2.21 -1.02 -16.31
CA LYS A 211 -1.31 -1.64 -17.27
C LYS A 211 -0.18 -0.70 -17.65
N ALA A 212 -0.44 0.59 -17.75
CA ALA A 212 0.68 1.48 -18.01
C ALA A 212 1.66 1.44 -16.85
N TRP A 213 1.16 1.49 -15.63
CA TRP A 213 2.01 1.37 -14.46
C TRP A 213 2.90 0.13 -14.53
N SER A 214 2.34 -1.01 -14.94
CA SER A 214 3.10 -2.24 -14.95
C SER A 214 4.15 -2.20 -16.06
N VAL A 215 3.74 -1.71 -17.22
CA VAL A 215 4.68 -1.72 -18.33
C VAL A 215 5.91 -0.93 -17.94
N ALA A 216 5.68 0.30 -17.46
CA ALA A 216 6.74 1.07 -16.86
C ALA A 216 7.54 0.23 -15.88
N ARG A 217 6.86 -0.36 -14.90
CA ARG A 217 7.63 -0.95 -13.81
C ARG A 217 8.31 -2.25 -14.24
N LEU A 218 7.66 -3.13 -15.01
CA LEU A 218 8.37 -4.34 -15.41
C LEU A 218 9.49 -4.04 -16.37
N SER A 219 9.33 -3.03 -17.19
CA SER A 219 10.44 -2.61 -18.03
C SER A 219 11.65 -2.26 -17.17
N GLN A 220 11.52 -1.36 -16.21
CA GLN A 220 12.67 -1.05 -15.38
C GLN A 220 13.31 -2.31 -14.80
N LYS A 221 12.47 -3.28 -14.40
CA LYS A 221 12.95 -4.47 -13.73
C LYS A 221 13.65 -5.42 -14.68
N PHE A 222 13.10 -5.57 -15.89
CA PHE A 222 13.57 -6.55 -16.86
C PHE A 222 13.95 -5.82 -18.12
N PRO A 223 14.94 -4.95 -18.06
CA PRO A 223 15.25 -4.13 -19.24
C PRO A 223 15.68 -4.98 -20.43
N LYS A 224 15.99 -6.24 -20.16
CA LYS A 224 16.54 -7.11 -21.17
C LYS A 224 15.46 -7.80 -21.96
N ALA A 225 14.32 -8.04 -21.34
CA ALA A 225 13.16 -8.58 -22.04
C ALA A 225 12.79 -7.66 -23.20
N ASP A 226 12.09 -8.16 -24.20
CA ASP A 226 11.64 -7.25 -25.24
C ASP A 226 10.17 -6.95 -25.08
N PHE A 227 9.69 -6.05 -25.92
CA PHE A 227 8.37 -5.45 -25.70
C PHE A 227 7.25 -6.47 -25.63
N ALA A 228 7.41 -7.61 -26.28
CA ALA A 228 6.34 -8.59 -26.39
C ALA A 228 6.39 -9.60 -25.26
N GLU A 229 7.59 -9.91 -24.80
CA GLU A 229 7.71 -10.57 -23.51
C GLU A 229 7.01 -9.75 -22.43
N VAL A 230 7.27 -8.44 -22.42
CA VAL A 230 6.76 -7.59 -21.36
C VAL A 230 5.26 -7.41 -21.48
N SER A 231 4.77 -7.24 -22.71
CA SER A 231 3.31 -7.07 -22.91
C SER A 231 2.61 -8.34 -22.41
N LYS A 232 3.24 -9.49 -22.65
CA LYS A 232 2.73 -10.80 -22.26
C LYS A 232 2.59 -10.87 -20.76
N ILE A 233 3.71 -10.69 -20.07
CA ILE A 233 3.69 -10.71 -18.61
C ILE A 233 2.75 -9.66 -18.05
N VAL A 234 2.71 -8.46 -18.65
CA VAL A 234 1.83 -7.44 -18.07
C VAL A 234 0.36 -7.85 -18.16
N THR A 235 -0.05 -8.46 -19.28
CA THR A 235 -1.42 -8.95 -19.39
C THR A 235 -1.75 -9.98 -18.31
N ASP A 236 -0.90 -11.00 -18.20
CA ASP A 236 -1.17 -12.01 -17.19
C ASP A 236 -1.12 -11.40 -15.81
N LEU A 237 -0.20 -10.46 -15.59
CA LEU A 237 -0.10 -9.99 -14.22
C LEU A 237 -1.25 -9.07 -13.88
N THR A 238 -1.76 -8.32 -14.84
CA THR A 238 -2.87 -7.45 -14.50
C THR A 238 -4.11 -8.26 -14.19
N LYS A 239 -4.44 -9.16 -15.09
CA LYS A 239 -5.45 -10.16 -14.76
C LYS A 239 -5.32 -10.70 -13.33
N VAL A 240 -4.10 -11.05 -12.89
CA VAL A 240 -3.97 -11.68 -11.58
C VAL A 240 -4.39 -10.72 -10.49
N HIS A 241 -4.04 -9.46 -10.62
CA HIS A 241 -4.41 -8.52 -9.58
C HIS A 241 -5.84 -8.07 -9.69
N LYS A 242 -6.39 -8.05 -10.90
CA LYS A 242 -7.81 -7.75 -11.01
C LYS A 242 -8.62 -8.74 -10.21
N GLU A 243 -8.27 -10.02 -10.30
CA GLU A 243 -9.04 -11.03 -9.57
C GLU A 243 -8.77 -10.94 -8.08
N CYS A 244 -7.52 -10.69 -7.67
CA CYS A 244 -7.28 -10.60 -6.24
C CYS A 244 -8.05 -9.45 -5.64
N CYS A 245 -8.05 -8.31 -6.31
CA CYS A 245 -8.77 -7.16 -5.76
C CYS A 245 -10.26 -7.39 -5.69
N HIS A 246 -10.79 -8.23 -6.57
CA HIS A 246 -12.20 -8.61 -6.54
C HIS A 246 -12.48 -9.79 -5.64
N GLY A 247 -11.56 -10.21 -4.81
CA GLY A 247 -11.83 -11.29 -3.90
C GLY A 247 -11.73 -12.70 -4.46
N ASP A 248 -11.65 -12.81 -5.79
CA ASP A 248 -11.61 -14.18 -6.38
C ASP A 248 -10.20 -14.72 -6.14
N LEU A 249 -9.81 -14.80 -4.87
CA LEU A 249 -8.51 -15.35 -4.53
C LEU A 249 -8.19 -16.65 -5.25
N LEU A 250 -9.16 -17.56 -5.35
CA LEU A 250 -8.84 -18.85 -5.93
C LEU A 250 -8.31 -18.68 -7.34
N GLU A 251 -9.13 -18.13 -8.24
CA GLU A 251 -8.62 -17.85 -9.58
C GLU A 251 -7.35 -16.94 -9.50
N CYS A 252 -7.32 -16.01 -8.57
CA CYS A 252 -6.12 -15.17 -8.46
C CYS A 252 -4.86 -16.00 -8.21
N ALA A 253 -4.96 -17.03 -7.39
CA ALA A 253 -3.75 -17.76 -7.07
C ALA A 253 -3.35 -18.68 -8.19
N ASP A 254 -4.34 -19.33 -8.78
CA ASP A 254 -4.04 -20.27 -9.84
C ASP A 254 -3.32 -19.53 -10.96
N ASP A 255 -3.87 -18.37 -11.36
CA ASP A 255 -3.28 -17.62 -12.45
C ASP A 255 -1.90 -17.16 -12.09
N ARG A 256 -1.67 -16.82 -10.82
CA ARG A 256 -0.34 -16.42 -10.34
C ARG A 256 0.65 -17.57 -10.48
N ALA A 257 0.24 -18.78 -10.07
CA ALA A 257 1.16 -19.89 -10.21
C ALA A 257 1.58 -20.04 -11.66
N ASP A 258 0.61 -19.97 -12.60
CA ASP A 258 0.89 -20.19 -14.01
C ASP A 258 1.83 -19.14 -14.57
N LEU A 259 1.73 -17.93 -14.03
CA LEU A 259 2.60 -16.88 -14.49
C LEU A 259 3.98 -17.02 -13.88
N ALA A 260 4.09 -17.47 -12.63
CA ALA A 260 5.39 -17.88 -12.12
C ALA A 260 5.98 -18.98 -12.99
N LYS A 261 5.17 -20.00 -13.30
CA LYS A 261 5.66 -21.09 -14.14
C LYS A 261 6.20 -20.56 -15.46
N TYR A 262 5.46 -19.61 -16.06
CA TYR A 262 5.89 -19.06 -17.34
C TYR A 262 7.23 -18.35 -17.21
N ILE A 263 7.31 -17.37 -16.30
CA ILE A 263 8.53 -16.58 -16.12
C ILE A 263 9.72 -17.49 -15.91
N CYS A 264 9.55 -18.52 -15.07
CA CYS A 264 10.67 -19.41 -14.80
C CYS A 264 11.07 -20.21 -16.03
N GLU A 265 10.11 -20.61 -16.85
CA GLU A 265 10.48 -21.35 -18.06
C GLU A 265 11.17 -20.47 -19.07
N HIS A 266 10.88 -19.16 -19.07
CA HIS A 266 11.47 -18.25 -20.04
C HIS A 266 12.41 -17.25 -19.39
N GLN A 267 12.93 -17.59 -18.22
CA GLN A 267 13.69 -16.62 -17.46
C GLN A 267 14.93 -16.16 -18.21
N ASP A 268 15.45 -16.99 -19.11
CA ASP A 268 16.69 -16.65 -19.80
C ASP A 268 16.54 -15.43 -20.69
N SER A 269 15.33 -15.11 -21.14
CA SER A 269 15.12 -13.93 -21.95
C SER A 269 14.34 -12.85 -21.20
N ILE A 270 14.37 -12.90 -19.88
CA ILE A 270 13.67 -11.93 -19.06
C ILE A 270 14.68 -11.25 -18.16
N SER A 271 15.48 -12.04 -17.46
CA SER A 271 16.48 -11.50 -16.55
C SER A 271 17.33 -12.56 -15.85
N GLY A 272 18.62 -12.29 -15.69
CA GLY A 272 19.47 -13.18 -14.93
C GLY A 272 19.29 -13.07 -13.44
N LYS A 273 18.47 -12.14 -12.96
CA LYS A 273 18.16 -12.10 -11.55
C LYS A 273 17.13 -13.14 -11.13
N LEU A 274 16.52 -13.84 -12.11
CA LEU A 274 15.41 -14.74 -11.82
C LEU A 274 15.86 -16.13 -11.42
N LYS A 275 17.07 -16.52 -11.79
CA LYS A 275 17.53 -17.87 -11.51
C LYS A 275 17.41 -18.19 -10.04
N ALA A 276 17.75 -17.25 -9.18
CA ALA A 276 17.65 -17.54 -7.76
C ALA A 276 16.21 -17.81 -7.36
N CYS A 277 15.29 -16.94 -7.79
CA CYS A 277 13.86 -17.15 -7.59
C CYS A 277 13.40 -18.50 -8.11
N CYS A 278 13.85 -18.85 -9.30
CA CYS A 278 13.24 -20.00 -9.94
C CYS A 278 13.65 -21.32 -9.30
N ASP A 279 14.66 -21.32 -8.44
CA ASP A 279 15.07 -22.54 -7.75
C ASP A 279 14.22 -22.84 -6.51
N LYS A 280 13.17 -22.09 -6.25
CA LYS A 280 12.53 -22.12 -4.96
C LYS A 280 11.20 -22.88 -4.98
N PRO A 281 10.60 -23.11 -3.81
CA PRO A 281 9.24 -23.62 -3.78
C PRO A 281 8.25 -22.58 -4.28
N LEU A 282 6.97 -22.89 -4.23
CA LEU A 282 6.00 -22.07 -4.95
C LEU A 282 5.92 -20.68 -4.37
N LEU A 283 5.38 -20.55 -3.17
CA LEU A 283 5.10 -19.22 -2.64
C LEU A 283 6.36 -18.36 -2.55
N GLN A 284 7.52 -18.95 -2.18
CA GLN A 284 8.81 -18.28 -2.26
C GLN A 284 9.14 -17.84 -3.68
N LYS A 285 8.97 -18.74 -4.65
CA LYS A 285 9.19 -18.40 -6.05
C LYS A 285 8.31 -17.24 -6.51
N SER A 286 7.02 -17.26 -6.18
CA SER A 286 6.19 -16.14 -6.58
C SER A 286 6.62 -14.87 -5.84
N HIS A 287 6.76 -14.95 -4.51
CA HIS A 287 7.29 -13.80 -3.78
C HIS A 287 8.58 -13.34 -4.38
N CYS A 288 9.50 -14.25 -4.65
CA CYS A 288 10.80 -13.81 -5.16
C CYS A 288 10.68 -13.08 -6.50
N ILE A 289 10.03 -13.68 -7.49
CA ILE A 289 9.82 -12.95 -8.74
C ILE A 289 9.28 -11.55 -8.46
N ALA A 290 8.23 -11.44 -7.64
CA ALA A 290 7.57 -10.14 -7.47
C ALA A 290 8.47 -9.08 -6.83
N GLU A 291 9.48 -9.49 -6.06
CA GLU A 291 10.42 -8.56 -5.43
C GLU A 291 11.80 -8.62 -6.05
N VAL A 292 11.92 -9.17 -7.27
CA VAL A 292 13.22 -9.30 -7.92
C VAL A 292 13.84 -7.92 -8.12
N LYS A 293 15.16 -7.86 -8.03
CA LYS A 293 15.88 -6.62 -8.25
C LYS A 293 15.99 -6.33 -9.75
N GLU A 294 16.21 -5.07 -10.08
CA GLU A 294 16.29 -4.70 -11.48
C GLU A 294 17.55 -5.27 -12.12
N ASP A 295 17.36 -5.90 -13.26
CA ASP A 295 18.45 -6.48 -14.03
C ASP A 295 19.35 -5.37 -14.59
N ASP A 296 20.61 -5.73 -14.87
CA ASP A 296 21.57 -4.81 -15.48
C ASP A 296 21.08 -4.39 -16.85
N LEU A 297 21.34 -3.15 -17.22
CA LEU A 297 20.94 -2.68 -18.55
C LEU A 297 21.79 -3.36 -19.61
N PRO A 298 21.23 -3.63 -20.79
CA PRO A 298 22.01 -4.29 -21.84
C PRO A 298 22.88 -3.29 -22.58
N SER A 299 24.08 -3.76 -22.96
CA SER A 299 25.08 -2.86 -23.55
C SER A 299 24.65 -2.33 -24.90
N ASP A 300 23.78 -3.05 -25.60
CA ASP A 300 23.39 -2.69 -26.95
C ASP A 300 22.20 -1.72 -27.00
N LEU A 301 21.82 -1.21 -25.82
CA LEU A 301 20.60 -0.39 -25.68
C LEU A 301 20.69 0.65 -26.80
N PRO A 302 19.62 0.82 -27.61
CA PRO A 302 19.74 1.69 -28.78
C PRO A 302 19.49 3.13 -28.41
N ALA A 303 19.97 4.01 -29.26
CA ALA A 303 19.69 5.41 -29.08
C ALA A 303 18.18 5.61 -29.14
N LEU A 304 17.65 6.23 -28.12
CA LEU A 304 16.25 6.59 -28.14
C LEU A 304 15.97 7.56 -29.27
N ALA A 305 16.99 8.26 -29.74
CA ALA A 305 16.73 9.45 -30.53
C ALA A 305 16.06 9.20 -31.86
N ALA A 306 16.59 8.24 -32.61
CA ALA A 306 16.12 7.92 -33.95
C ALA A 306 14.64 7.63 -33.87
N ASP A 307 14.27 6.54 -33.22
CA ASP A 307 12.88 6.10 -33.22
C ASP A 307 11.88 7.12 -32.77
N PHE A 308 12.25 7.95 -31.81
CA PHE A 308 11.32 8.84 -31.15
C PHE A 308 11.71 10.29 -31.22
N ALA A 309 12.91 10.60 -31.70
CA ALA A 309 13.30 11.98 -31.91
C ALA A 309 13.62 12.20 -33.39
N GLU A 310 14.68 11.62 -33.89
CA GLU A 310 15.12 11.92 -35.26
C GLU A 310 14.37 11.13 -36.35
N ASP A 311 13.34 10.32 -36.02
CA ASP A 311 12.66 9.58 -37.08
C ASP A 311 11.83 10.49 -37.96
N LYS A 312 11.85 10.19 -39.25
CA LYS A 312 11.19 11.04 -40.22
C LYS A 312 9.67 10.97 -40.11
N GLU A 313 9.10 9.84 -39.67
CA GLU A 313 7.64 9.70 -39.65
C GLU A 313 7.20 8.93 -38.42
N ILE A 314 6.74 9.70 -37.43
CA ILE A 314 6.22 9.16 -36.17
C ILE A 314 4.71 9.22 -36.08
N CYS A 315 4.05 9.84 -37.04
CA CYS A 315 2.67 10.28 -36.82
C CYS A 315 1.65 9.31 -37.38
N LYS A 316 1.86 8.81 -38.60
CA LYS A 316 0.96 7.76 -39.07
C LYS A 316 0.98 6.61 -38.10
N HIS A 317 2.16 6.31 -37.55
CA HIS A 317 2.24 5.28 -36.52
C HIS A 317 1.18 5.48 -35.45
N TYR A 318 1.03 6.73 -34.99
CA TYR A 318 0.03 7.05 -33.99
C TYR A 318 -1.38 6.73 -34.46
N LYS A 319 -1.81 7.42 -35.52
CA LYS A 319 -3.19 7.35 -36.00
C LYS A 319 -3.68 5.91 -36.03
N ASP A 320 -2.87 5.03 -36.64
CA ASP A 320 -3.09 3.56 -36.71
C ASP A 320 -2.84 2.81 -35.38
N ALA A 321 -1.74 3.10 -34.68
CA ALA A 321 -1.32 2.40 -33.46
C ALA A 321 -1.41 3.34 -32.26
N LYS A 322 -2.60 3.45 -31.68
CA LYS A 322 -2.81 4.43 -30.58
C LYS A 322 -2.12 4.19 -29.24
N ASP A 323 -2.57 3.19 -28.48
CA ASP A 323 -1.95 2.90 -27.20
C ASP A 323 -0.70 2.13 -27.58
N VAL A 324 -0.84 1.10 -28.42
CA VAL A 324 0.26 0.24 -28.86
C VAL A 324 1.55 1.03 -29.08
N PHE A 325 1.45 2.15 -29.81
CA PHE A 325 2.65 2.94 -30.05
C PHE A 325 3.11 3.65 -28.78
N LEU A 326 2.18 4.09 -27.95
CA LEU A 326 2.55 4.72 -26.70
C LEU A 326 3.29 3.74 -25.79
N GLY A 327 2.65 2.59 -25.53
CA GLY A 327 3.30 1.54 -24.77
C GLY A 327 4.71 1.27 -25.23
N THR A 328 4.98 1.42 -26.52
CA THR A 328 6.34 1.25 -27.01
C THR A 328 7.25 2.30 -26.40
N PHE A 329 6.86 3.58 -26.52
CA PHE A 329 7.63 4.64 -25.90
C PHE A 329 7.86 4.34 -24.43
N LEU A 330 6.78 4.01 -23.71
CA LEU A 330 6.85 3.79 -22.28
C LEU A 330 7.87 2.73 -21.93
N TYR A 331 7.82 1.62 -22.66
CA TYR A 331 8.73 0.47 -22.44
C TYR A 331 10.17 0.89 -22.71
N GLU A 332 10.41 1.66 -23.77
CA GLU A 332 11.76 2.05 -24.14
C GLU A 332 12.30 3.10 -23.18
N TYR A 333 11.49 4.10 -22.83
CA TYR A 333 11.95 5.05 -21.83
C TYR A 333 12.22 4.34 -20.50
N SER A 334 11.25 3.56 -20.02
CA SER A 334 11.37 3.00 -18.68
C SER A 334 12.57 2.10 -18.61
N ARG A 335 12.73 1.28 -19.66
CA ARG A 335 13.88 0.40 -19.83
C ARG A 335 15.16 0.93 -19.22
N ARG A 336 15.64 2.09 -19.69
CA ARG A 336 16.95 2.59 -19.29
C ARG A 336 16.88 3.63 -18.17
N HIS A 337 15.73 3.76 -17.51
CA HIS A 337 15.60 4.69 -16.40
C HIS A 337 15.09 3.95 -15.17
N PRO A 338 15.92 3.10 -14.59
CA PRO A 338 15.65 2.63 -13.23
C PRO A 338 15.84 3.71 -12.18
N ASP A 339 16.25 4.91 -12.58
CA ASP A 339 16.49 5.99 -11.64
C ASP A 339 15.34 6.97 -11.61
N TYR A 340 14.22 6.63 -12.23
CA TYR A 340 13.02 7.43 -12.18
C TYR A 340 11.96 6.66 -11.43
N SER A 341 11.05 7.38 -10.77
CA SER A 341 9.90 6.74 -10.18
C SER A 341 8.93 6.32 -11.28
N VAL A 342 8.11 5.31 -10.99
CA VAL A 342 7.11 4.88 -11.96
C VAL A 342 6.26 6.07 -12.38
N SER A 343 5.80 6.87 -11.41
CA SER A 343 4.90 7.98 -11.70
C SER A 343 5.58 8.98 -12.61
N LEU A 344 6.85 9.25 -12.38
CA LEU A 344 7.50 10.21 -13.22
C LEU A 344 7.47 9.72 -14.66
N LEU A 345 7.62 8.41 -14.83
CA LEU A 345 7.61 7.84 -16.17
C LEU A 345 6.25 8.00 -16.82
N LEU A 346 5.18 7.75 -16.09
CA LEU A 346 3.88 7.91 -16.70
C LEU A 346 3.62 9.37 -17.06
N ARG A 347 4.19 10.28 -16.26
CA ARG A 347 4.06 11.71 -16.50
C ARG A 347 4.75 12.08 -17.81
N ILE A 348 5.96 11.59 -18.01
CA ILE A 348 6.64 11.71 -19.30
C ILE A 348 5.81 11.11 -20.42
N ALA A 349 5.27 9.90 -20.22
CA ALA A 349 4.49 9.27 -21.27
C ALA A 349 3.23 10.07 -21.56
N LYS A 350 2.65 10.72 -20.56
CA LYS A 350 1.58 11.65 -20.90
C LYS A 350 2.10 12.88 -21.65
N THR A 351 3.37 13.25 -21.47
CA THR A 351 4.00 14.33 -22.20
C THR A 351 4.67 13.78 -23.43
N TYR A 352 4.10 12.73 -23.99
CA TYR A 352 4.50 12.36 -25.34
C TYR A 352 3.20 12.33 -26.12
N GLU A 353 2.24 11.57 -25.64
CA GLU A 353 0.85 11.70 -26.08
C GLU A 353 0.43 13.18 -26.07
N ALA A 354 1.21 14.02 -25.36
CA ALA A 354 1.07 15.47 -25.38
C ALA A 354 1.87 16.11 -26.52
N THR A 355 3.21 16.10 -26.42
CA THR A 355 4.06 16.64 -27.49
C THR A 355 3.60 16.13 -28.86
N LEU A 356 3.31 14.84 -28.95
CA LEU A 356 3.02 14.22 -30.25
C LEU A 356 1.72 14.74 -30.84
N GLU A 357 0.77 15.17 -30.01
CA GLU A 357 -0.44 15.75 -30.57
C GLU A 357 -0.15 17.11 -31.22
N LYS A 358 0.71 17.90 -30.57
CA LYS A 358 1.02 19.24 -31.07
C LYS A 358 1.91 19.16 -32.30
N CYS A 359 3.03 18.45 -32.22
CA CYS A 359 4.00 18.58 -33.30
C CYS A 359 3.48 17.98 -34.59
N CYS A 360 2.82 16.83 -34.52
CA CYS A 360 2.43 16.15 -35.75
C CYS A 360 1.15 16.73 -36.36
N ALA A 361 0.03 16.63 -35.63
CA ALA A 361 -1.27 17.08 -36.12
C ALA A 361 -1.34 18.58 -35.99
N GLU A 362 -1.76 19.27 -37.06
CA GLU A 362 -1.86 20.73 -37.08
C GLU A 362 -0.49 21.37 -36.77
N ALA A 363 0.54 20.90 -37.48
CA ALA A 363 1.88 21.50 -37.48
C ALA A 363 2.77 20.67 -38.40
N ASP A 364 4.05 21.04 -38.44
CA ASP A 364 5.04 20.27 -39.18
C ASP A 364 5.95 19.56 -38.20
N PRO A 365 5.80 18.25 -38.06
CA PRO A 365 6.38 17.53 -36.95
C PRO A 365 7.90 17.59 -36.86
N PRO A 366 8.67 17.12 -37.87
CA PRO A 366 10.04 16.65 -37.59
C PRO A 366 10.97 17.62 -36.87
N ALA A 367 10.86 18.95 -37.10
CA ALA A 367 11.82 19.89 -36.52
C ALA A 367 11.46 20.37 -35.11
N CYS A 368 10.17 20.30 -34.70
CA CYS A 368 9.77 20.79 -33.38
C CYS A 368 9.81 19.70 -32.32
N TYR A 369 9.48 18.46 -32.70
CA TYR A 369 9.55 17.39 -31.73
C TYR A 369 10.94 16.80 -31.63
N ALA A 370 11.85 17.14 -32.54
CA ALA A 370 13.24 16.69 -32.50
C ALA A 370 13.94 17.19 -31.24
N THR A 371 13.20 17.86 -30.37
CA THR A 371 13.69 18.34 -29.07
C THR A 371 12.75 17.89 -27.96
N VAL A 372 11.84 16.95 -28.25
CA VAL A 372 10.87 16.60 -27.23
C VAL A 372 11.52 16.13 -25.94
N PHE A 373 12.62 15.34 -26.04
CA PHE A 373 13.33 14.79 -24.89
C PHE A 373 13.81 15.83 -23.88
N ASP A 374 13.68 17.11 -24.20
CA ASP A 374 14.06 18.13 -23.24
C ASP A 374 12.85 18.79 -22.58
N GLN A 375 11.62 18.56 -23.13
CA GLN A 375 10.34 18.95 -22.53
C GLN A 375 9.98 18.04 -21.35
N PHE A 376 10.92 17.15 -21.04
CA PHE A 376 10.87 16.24 -19.91
C PHE A 376 11.79 16.66 -18.80
N THR A 377 12.94 17.22 -19.12
CA THR A 377 13.86 17.69 -18.10
C THR A 377 13.21 18.56 -17.03
N PRO A 378 12.25 19.46 -17.34
CA PRO A 378 11.43 20.05 -16.26
C PRO A 378 10.71 18.99 -15.46
N LEU A 379 10.04 18.05 -16.14
CA LEU A 379 9.37 16.95 -15.43
C LEU A 379 10.31 16.19 -14.52
N VAL A 380 11.58 16.11 -14.87
CA VAL A 380 12.53 15.38 -14.03
C VAL A 380 13.09 16.26 -12.94
N GLU A 381 13.45 17.51 -13.26
CA GLU A 381 14.13 18.35 -12.27
C GLU A 381 13.26 18.53 -11.06
N GLU A 382 11.96 18.77 -11.27
CA GLU A 382 11.07 19.02 -10.15
C GLU A 382 11.11 17.93 -9.08
N PRO A 383 10.71 16.68 -9.36
CA PRO A 383 10.76 15.70 -8.27
C PRO A 383 12.17 15.55 -7.69
N LYS A 384 13.23 15.86 -8.46
CA LYS A 384 14.58 15.72 -7.93
C LYS A 384 14.86 16.76 -6.87
N SER A 385 14.56 18.03 -7.18
CA SER A 385 14.68 19.10 -6.19
C SER A 385 13.87 18.77 -4.94
N LEU A 386 12.73 18.10 -5.12
CA LEU A 386 11.82 17.87 -4.02
C LEU A 386 12.38 16.88 -3.02
N VAL A 387 13.00 15.81 -3.48
CA VAL A 387 13.51 14.84 -2.53
C VAL A 387 14.82 15.31 -1.98
N LYS A 388 15.52 16.14 -2.77
CA LYS A 388 16.63 16.93 -2.31
C LYS A 388 16.22 17.70 -1.04
N LYS A 389 15.29 18.66 -1.17
CA LYS A 389 14.88 19.42 0.02
C LYS A 389 14.57 18.47 1.15
N ASN A 390 13.70 17.50 0.88
CA ASN A 390 13.14 16.74 1.98
C ASN A 390 14.15 15.82 2.61
N CYS A 391 15.11 15.30 1.86
CA CYS A 391 16.14 14.52 2.53
C CYS A 391 17.17 15.41 3.24
N ASP A 392 17.41 16.62 2.73
CA ASP A 392 18.21 17.57 3.49
C ASP A 392 17.59 17.80 4.86
N LEU A 393 16.33 18.22 4.83
CA LEU A 393 15.55 18.40 6.03
C LEU A 393 15.57 17.17 6.90
N PHE A 394 15.36 15.99 6.31
CA PHE A 394 15.32 14.76 7.11
C PHE A 394 16.65 14.49 7.79
N GLU A 395 17.73 14.41 7.01
CA GLU A 395 19.04 14.19 7.59
C GLU A 395 19.36 15.23 8.66
N GLU A 396 18.90 16.47 8.45
CA GLU A 396 19.19 17.56 9.37
C GLU A 396 18.55 17.35 10.73
N VAL A 397 17.29 16.90 10.77
CA VAL A 397 16.48 16.95 11.98
C VAL A 397 16.02 15.58 12.46
N GLY A 398 16.13 14.53 11.62
CA GLY A 398 15.81 13.18 12.04
C GLY A 398 14.33 12.86 11.96
N GLU A 399 14.04 11.55 12.11
CA GLU A 399 12.75 11.01 11.69
C GLU A 399 11.60 11.58 12.50
N TYR A 400 11.71 11.55 13.83
CA TYR A 400 10.61 12.05 14.63
C TYR A 400 10.32 13.52 14.32
N ASP A 401 11.36 14.34 14.17
CA ASP A 401 11.13 15.74 13.83
C ASP A 401 10.77 15.92 12.37
N PHE A 402 11.25 15.06 11.49
CA PHE A 402 10.74 15.02 10.13
C PHE A 402 9.24 14.69 10.11
N GLN A 403 8.82 13.66 10.86
CA GLN A 403 7.37 13.39 10.95
C GLN A 403 6.63 14.61 11.45
N ASN A 404 7.18 15.23 12.49
CA ASN A 404 6.53 16.41 13.06
C ASN A 404 6.33 17.49 12.01
N ALA A 405 7.35 17.72 11.17
CA ALA A 405 7.28 18.70 10.10
C ALA A 405 6.21 18.31 9.09
N LEU A 406 6.15 17.05 8.71
CA LEU A 406 5.15 16.67 7.72
C LEU A 406 3.77 16.82 8.31
N ILE A 407 3.60 16.42 9.59
CA ILE A 407 2.30 16.60 10.23
C ILE A 407 1.89 18.07 10.17
N VAL A 408 2.79 18.96 10.57
CA VAL A 408 2.53 20.36 10.40
C VAL A 408 2.25 20.67 8.95
N ARG A 409 3.03 20.11 8.05
CA ARG A 409 2.90 20.54 6.67
C ARG A 409 1.55 20.12 6.16
N TYR A 410 1.21 18.86 6.38
CA TYR A 410 -0.04 18.32 5.89
C TYR A 410 -1.25 18.92 6.62
N THR A 411 -1.09 19.38 7.88
CA THR A 411 -2.24 19.86 8.64
C THR A 411 -2.69 21.21 8.17
N LYS A 412 -1.72 22.04 7.76
CA LYS A 412 -2.08 23.27 7.07
C LYS A 412 -2.75 23.00 5.70
N LYS A 413 -2.25 22.03 4.94
CA LYS A 413 -2.87 21.70 3.65
C LYS A 413 -4.34 21.35 3.84
N ALA A 414 -4.63 20.39 4.71
CA ALA A 414 -6.01 19.93 4.98
C ALA A 414 -6.37 19.86 6.46
N PRO A 415 -6.64 21.02 7.09
CA PRO A 415 -6.96 20.99 8.52
C PRO A 415 -8.30 20.35 8.81
N GLN A 416 -9.15 20.21 7.82
CA GLN A 416 -10.42 19.52 8.02
C GLN A 416 -10.24 18.03 8.24
N VAL A 417 -9.06 17.46 7.93
CA VAL A 417 -8.93 16.00 7.99
C VAL A 417 -8.81 15.66 9.46
N SER A 418 -9.31 14.49 9.86
CA SER A 418 -9.27 14.12 11.25
C SER A 418 -7.82 14.03 11.71
N THR A 419 -7.60 14.25 13.01
CA THR A 419 -6.25 14.18 13.55
C THR A 419 -5.62 12.80 13.43
N PRO A 420 -6.27 11.69 13.76
CA PRO A 420 -5.59 10.39 13.52
C PRO A 420 -5.06 10.23 12.12
N THR A 421 -5.79 10.67 11.09
CA THR A 421 -5.30 10.49 9.73
C THR A 421 -4.09 11.36 9.47
N LEU A 422 -4.18 12.64 9.78
CA LEU A 422 -3.01 13.51 9.65
C LEU A 422 -1.77 12.90 10.34
N VAL A 423 -1.93 12.47 11.57
CA VAL A 423 -0.82 11.85 12.28
C VAL A 423 -0.34 10.60 11.56
N GLU A 424 -1.25 9.83 10.95
CA GLU A 424 -0.80 8.58 10.32
C GLU A 424 0.02 8.90 9.10
N ILE A 425 -0.49 9.80 8.24
CA ILE A 425 0.22 10.13 7.01
C ILE A 425 1.52 10.82 7.33
N GLY A 426 1.50 11.75 8.27
CA GLY A 426 2.74 12.34 8.68
C GLY A 426 3.76 11.30 9.08
N ARG A 427 3.38 10.36 9.97
CA ARG A 427 4.33 9.36 10.44
C ARG A 427 4.71 8.43 9.31
N THR A 428 3.76 8.10 8.44
CA THR A 428 4.13 7.20 7.37
C THR A 428 5.11 7.88 6.43
N LEU A 429 4.85 9.15 6.08
CA LEU A 429 5.77 9.87 5.22
C LEU A 429 7.15 9.93 5.84
N GLY A 430 7.26 10.23 7.12
CA GLY A 430 8.57 10.23 7.74
C GLY A 430 9.31 8.91 7.64
N LYS A 431 8.60 7.79 7.78
CA LYS A 431 9.27 6.50 7.69
C LYS A 431 9.89 6.28 6.31
N VAL A 432 9.18 6.70 5.25
CA VAL A 432 9.77 6.79 3.92
C VAL A 432 11.13 7.49 3.96
N GLY A 433 11.22 8.58 4.69
CA GLY A 433 12.49 9.30 4.74
C GLY A 433 13.62 8.43 5.23
N SER A 434 13.41 7.74 6.36
CA SER A 434 14.33 6.71 6.84
C SER A 434 14.72 5.86 5.67
N ARG A 435 13.77 5.08 5.12
CA ARG A 435 14.13 4.12 4.08
C ARG A 435 14.82 4.78 2.89
N CYS A 436 14.27 5.87 2.38
CA CYS A 436 14.73 6.31 1.07
C CYS A 436 15.88 7.28 1.07
N CYS A 437 16.22 7.94 2.18
CA CYS A 437 17.23 8.99 2.05
C CYS A 437 18.64 8.46 2.16
N LYS A 438 18.82 7.36 2.90
CA LYS A 438 20.13 6.71 3.02
C LYS A 438 20.62 6.13 1.69
N LEU A 439 19.73 5.90 0.74
CA LEU A 439 20.10 5.13 -0.42
C LEU A 439 21.00 5.95 -1.35
N PRO A 440 21.90 5.26 -2.11
CA PRO A 440 22.65 5.92 -3.18
C PRO A 440 21.77 6.90 -3.92
N GLU A 441 22.31 8.05 -4.21
CA GLU A 441 21.37 9.09 -4.53
C GLU A 441 20.73 8.90 -5.91
N SER A 442 21.10 7.87 -6.67
CA SER A 442 20.34 7.55 -7.87
C SER A 442 19.15 6.66 -7.58
N GLU A 443 19.10 6.06 -6.39
CA GLU A 443 18.05 5.18 -5.94
C GLU A 443 17.01 5.88 -5.07
N ARG A 444 17.22 7.15 -4.75
CA ARG A 444 16.30 7.73 -3.78
C ARG A 444 15.08 8.38 -4.45
N LEU A 445 15.23 9.00 -5.62
CA LEU A 445 14.04 9.47 -6.33
C LEU A 445 13.03 8.36 -6.56
N PRO A 446 13.42 7.18 -7.04
CA PRO A 446 12.41 6.15 -7.24
C PRO A 446 11.95 5.60 -5.94
N CYS A 447 12.86 5.37 -5.01
CA CYS A 447 12.44 4.96 -3.68
C CYS A 447 11.42 5.92 -3.10
N SER A 448 11.79 7.20 -3.01
CA SER A 448 10.93 8.17 -2.35
C SER A 448 9.59 8.27 -3.03
N GLU A 449 9.58 8.56 -4.34
CA GLU A 449 8.31 8.88 -4.96
C GLU A 449 7.44 7.64 -5.10
N ASN A 450 8.03 6.46 -5.28
CA ASN A 450 7.19 5.27 -5.33
C ASN A 450 6.51 5.03 -4.01
N HIS A 451 7.20 5.27 -2.89
CA HIS A 451 6.60 5.05 -1.56
C HIS A 451 5.65 6.16 -1.18
N LEU A 452 5.97 7.36 -1.59
CA LEU A 452 5.04 8.48 -1.47
C LEU A 452 3.70 8.14 -2.10
N ALA A 453 3.72 7.44 -3.23
CA ALA A 453 2.51 7.01 -3.90
C ALA A 453 1.68 6.15 -3.00
N LEU A 454 2.33 5.32 -2.18
CA LEU A 454 1.56 4.41 -1.32
C LEU A 454 0.91 5.17 -0.19
N ALA A 455 1.68 6.01 0.52
CA ALA A 455 1.11 6.76 1.64
C ALA A 455 -0.03 7.65 1.19
N LEU A 456 0.17 8.37 0.08
CA LEU A 456 -0.84 9.24 -0.47
C LEU A 456 -2.07 8.45 -0.79
N ASN A 457 -1.87 7.28 -1.40
CA ASN A 457 -3.04 6.47 -1.72
C ASN A 457 -3.75 6.03 -0.47
N ARG A 458 -3.03 5.93 0.64
CA ARG A 458 -3.66 5.55 1.87
C ARG A 458 -4.57 6.67 2.36
N LEU A 459 -4.01 7.88 2.43
CA LEU A 459 -4.81 9.07 2.62
C LEU A 459 -6.06 9.04 1.73
N CYS A 460 -5.91 8.71 0.48
CA CYS A 460 -7.07 8.86 -0.38
C CYS A 460 -8.11 7.82 -0.07
N VAL A 461 -7.68 6.72 0.51
CA VAL A 461 -8.63 5.67 0.82
C VAL A 461 -9.41 6.06 2.07
N LEU A 462 -8.70 6.49 3.11
CA LEU A 462 -9.36 7.08 4.26
C LEU A 462 -10.32 8.18 3.82
N HIS A 463 -9.83 9.12 3.02
CA HIS A 463 -10.68 10.22 2.59
C HIS A 463 -11.85 9.68 1.77
N GLU A 464 -11.71 8.50 1.18
CA GLU A 464 -12.85 7.98 0.45
C GLU A 464 -13.97 7.62 1.42
N LYS A 465 -13.59 7.15 2.61
CA LYS A 465 -14.56 6.69 3.60
C LYS A 465 -15.31 7.86 4.23
N THR A 466 -14.63 8.95 4.48
CA THR A 466 -15.22 10.12 5.11
C THR A 466 -14.70 11.37 4.44
N PRO A 467 -15.28 11.75 3.30
CA PRO A 467 -14.82 12.97 2.63
C PRO A 467 -15.01 14.17 3.53
N VAL A 468 -13.99 15.01 3.55
CA VAL A 468 -14.04 16.29 4.24
C VAL A 468 -13.57 17.46 3.40
N SER A 469 -12.88 17.24 2.27
CA SER A 469 -12.35 18.36 1.50
C SER A 469 -12.48 18.06 0.03
N GLU A 470 -13.24 18.90 -0.67
CA GLU A 470 -13.32 18.78 -2.12
C GLU A 470 -11.93 18.79 -2.77
N LYS A 471 -10.97 19.53 -2.20
CA LYS A 471 -9.64 19.66 -2.80
C LYS A 471 -8.86 18.36 -2.74
N ILE A 472 -8.88 17.66 -1.59
CA ILE A 472 -8.35 16.29 -1.56
C ILE A 472 -8.97 15.47 -2.66
N THR A 473 -10.30 15.49 -2.75
CA THR A 473 -11.01 14.71 -3.75
C THR A 473 -10.47 14.95 -5.13
N LYS A 474 -10.06 16.17 -5.41
CA LYS A 474 -9.58 16.44 -6.75
C LYS A 474 -8.24 15.76 -6.98
N CYS A 475 -7.36 15.78 -5.98
CA CYS A 475 -6.08 15.10 -6.12
C CYS A 475 -6.27 13.60 -6.25
N CYS A 476 -7.10 13.01 -5.41
CA CYS A 476 -7.21 11.57 -5.37
C CYS A 476 -7.81 11.00 -6.64
N THR A 477 -8.68 11.77 -7.29
CA THR A 477 -9.49 11.26 -8.41
C THR A 477 -9.17 11.87 -9.75
N ASP A 478 -8.46 12.99 -9.80
CA ASP A 478 -8.18 13.60 -11.11
C ASP A 478 -7.30 12.69 -11.94
N SER A 479 -6.20 12.21 -11.37
CA SER A 479 -5.22 11.50 -12.17
C SER A 479 -4.26 10.78 -11.26
N LEU A 480 -3.95 9.55 -11.63
CA LEU A 480 -3.01 8.74 -10.85
C LEU A 480 -1.61 9.32 -10.94
N ALA A 481 -1.16 9.63 -12.15
CA ALA A 481 0.22 10.05 -12.34
C ALA A 481 0.50 11.40 -11.70
N GLU A 482 -0.53 12.20 -11.53
CA GLU A 482 -0.36 13.54 -11.07
C GLU A 482 -0.63 13.72 -9.59
N ARG A 483 -1.00 12.66 -8.86
CA ARG A 483 -1.40 12.78 -7.46
C ARG A 483 -0.39 13.56 -6.65
N ARG A 484 0.84 13.09 -6.60
CA ARG A 484 1.85 13.77 -5.80
C ARG A 484 1.94 15.23 -6.21
N PRO A 485 2.22 15.59 -7.48
CA PRO A 485 2.23 17.01 -7.83
C PRO A 485 1.03 17.75 -7.25
N CYS A 486 -0.18 17.26 -7.53
CA CYS A 486 -1.39 17.82 -6.95
C CYS A 486 -1.23 18.07 -5.46
N PHE A 487 -0.81 17.06 -4.70
CA PHE A 487 -0.71 17.31 -3.26
C PHE A 487 0.35 18.37 -2.96
N SER A 488 1.46 18.38 -3.72
CA SER A 488 2.48 19.37 -3.43
C SER A 488 1.95 20.79 -3.61
N ALA A 489 0.91 20.95 -4.42
CA ALA A 489 0.35 22.24 -4.74
C ALA A 489 -0.63 22.73 -3.68
N LEU A 490 -1.21 21.83 -2.90
CA LEU A 490 -2.11 22.31 -1.87
C LEU A 490 -1.39 23.25 -0.90
N GLU A 491 -2.13 24.25 -0.46
CA GLU A 491 -1.66 25.11 0.60
C GLU A 491 -2.86 25.51 1.42
N LEU A 492 -2.58 25.93 2.65
CA LEU A 492 -3.57 26.40 3.61
C LEU A 492 -4.70 27.23 3.01
N ASP A 493 -5.94 26.75 3.16
CA ASP A 493 -7.10 27.50 2.67
C ASP A 493 -7.23 28.80 3.42
N GLU A 494 -7.21 29.90 2.68
CA GLU A 494 -7.28 31.23 3.31
C GLU A 494 -8.65 31.56 3.86
N GLY A 495 -9.63 30.68 3.68
CA GLY A 495 -10.93 30.89 4.25
C GLY A 495 -11.06 30.08 5.51
N TYR A 496 -10.08 29.23 5.80
CA TYR A 496 -10.18 28.35 6.95
C TYR A 496 -10.38 29.16 8.23
N VAL A 497 -11.35 28.74 9.04
CA VAL A 497 -11.59 29.35 10.34
C VAL A 497 -10.94 28.47 11.38
N PRO A 498 -10.01 28.99 12.20
CA PRO A 498 -9.28 28.12 13.11
C PRO A 498 -10.24 27.39 14.03
N LYS A 499 -9.95 26.12 14.29
CA LYS A 499 -10.75 25.35 15.22
C LYS A 499 -10.90 26.11 16.51
N GLU A 500 -12.15 26.25 16.96
CA GLU A 500 -12.46 26.81 18.27
C GLU A 500 -11.62 26.15 19.34
N PHE A 501 -10.99 26.97 20.17
CA PHE A 501 -10.06 26.45 21.18
C PHE A 501 -10.79 25.60 22.24
N LYS A 502 -10.28 24.39 22.46
CA LYS A 502 -10.85 23.47 23.45
C LYS A 502 -9.74 23.07 24.41
N ALA A 503 -9.93 23.42 25.69
CA ALA A 503 -8.91 23.23 26.71
C ALA A 503 -8.66 21.75 26.96
N GLU A 504 -9.76 20.98 27.04
CA GLU A 504 -9.70 19.52 27.17
C GLU A 504 -8.70 18.90 26.21
N THR A 505 -8.51 19.51 25.06
CA THR A 505 -7.77 18.87 24.01
C THR A 505 -6.27 18.84 24.32
N PHE A 506 -5.80 19.69 25.25
CA PHE A 506 -4.38 19.71 25.63
C PHE A 506 -4.21 19.43 27.11
N THR A 507 -5.23 18.87 27.74
CA THR A 507 -5.17 18.41 29.12
C THR A 507 -4.62 17.00 29.21
N PHE A 508 -3.44 16.85 29.77
CA PHE A 508 -2.86 15.53 29.94
C PHE A 508 -3.07 15.04 31.36
N HIS A 509 -2.92 13.74 31.54
CA HIS A 509 -3.08 13.11 32.84
C HIS A 509 -2.07 12.00 33.01
N ALA A 510 -2.07 11.41 34.20
CA ALA A 510 -0.98 10.48 34.49
C ALA A 510 -1.09 9.21 33.67
N ASP A 511 -2.19 9.03 32.96
CA ASP A 511 -2.39 7.81 32.13
C ASP A 511 -1.31 7.73 31.04
N ILE A 512 -0.86 8.88 30.53
CA ILE A 512 0.11 8.88 29.45
C ILE A 512 1.46 8.32 29.87
N CYS A 513 1.70 8.17 31.17
CA CYS A 513 2.98 7.66 31.63
C CYS A 513 3.18 6.16 31.37
N THR A 514 2.09 5.37 31.38
CA THR A 514 2.16 3.92 31.17
C THR A 514 2.30 3.51 29.70
N LEU A 515 1.94 4.38 28.77
CA LEU A 515 1.93 4.00 27.37
C LEU A 515 3.35 3.63 26.90
N PRO A 516 3.46 2.61 26.04
CA PRO A 516 4.70 2.42 25.29
C PRO A 516 5.00 3.66 24.47
N GLU A 517 6.27 3.81 24.11
CA GLU A 517 6.77 5.08 23.55
C GLU A 517 6.13 5.45 22.23
N ASP A 518 5.85 4.44 21.40
CA ASP A 518 5.21 4.71 20.09
C ASP A 518 3.89 5.41 20.39
N GLU A 519 3.24 4.98 21.48
CA GLU A 519 1.95 5.50 21.89
C GLU A 519 2.08 6.89 22.51
N LYS A 520 3.08 7.11 23.36
CA LYS A 520 3.33 8.48 23.81
C LYS A 520 3.53 9.45 22.64
N GLN A 521 4.47 9.15 21.73
CA GLN A 521 4.71 9.99 20.54
C GLN A 521 3.42 10.37 19.81
N ILE A 522 2.54 9.40 19.56
CA ILE A 522 1.31 9.72 18.83
C ILE A 522 0.49 10.74 19.60
N LYS A 523 0.40 10.56 20.92
CA LYS A 523 -0.27 11.52 21.76
C LYS A 523 0.32 12.88 21.55
N LYS A 524 1.65 12.98 21.52
CA LYS A 524 2.28 14.26 21.29
C LYS A 524 2.01 14.73 19.87
N GLN A 525 2.27 13.87 18.90
CA GLN A 525 2.05 14.28 17.54
C GLN A 525 0.59 14.71 17.29
N SER A 526 -0.37 14.09 17.94
CA SER A 526 -1.73 14.60 17.78
C SER A 526 -1.86 15.99 18.41
N ALA A 527 -1.32 16.18 19.62
CA ALA A 527 -1.27 17.52 20.19
C ALA A 527 -0.80 18.51 19.17
N LEU A 528 0.28 18.14 18.47
CA LEU A 528 0.84 18.96 17.42
C LEU A 528 -0.17 19.28 16.32
N ALA A 529 -0.88 18.27 15.78
CA ALA A 529 -1.86 18.59 14.74
C ALA A 529 -2.87 19.55 15.28
N GLU A 530 -3.25 19.36 16.53
CA GLU A 530 -4.33 20.18 17.06
C GLU A 530 -3.87 21.60 17.28
N LEU A 531 -2.62 21.80 17.68
CA LEU A 531 -2.09 23.15 17.76
C LEU A 531 -2.22 23.84 16.43
N VAL A 532 -1.85 23.13 15.36
CA VAL A 532 -1.93 23.74 14.02
C VAL A 532 -3.39 24.05 13.68
N LYS A 533 -4.31 23.11 13.95
CA LYS A 533 -5.68 23.34 13.55
C LYS A 533 -6.24 24.56 14.24
N HIS A 534 -5.78 24.87 15.45
CA HIS A 534 -6.26 26.05 16.16
C HIS A 534 -5.44 27.31 15.91
N LYS A 535 -4.12 27.21 15.71
CA LYS A 535 -3.34 28.36 15.27
C LYS A 535 -2.69 27.98 13.94
N PRO A 536 -3.43 28.02 12.84
CA PRO A 536 -2.87 27.53 11.57
C PRO A 536 -1.77 28.44 10.99
N LYS A 537 -1.63 29.67 11.45
CA LYS A 537 -0.61 30.56 10.94
C LYS A 537 0.69 30.53 11.74
N ALA A 538 0.75 29.82 12.87
CA ALA A 538 1.99 29.72 13.61
C ALA A 538 3.08 29.13 12.73
N THR A 539 4.32 29.57 12.93
CA THR A 539 5.43 29.05 12.16
C THR A 539 5.81 27.65 12.64
N LYS A 540 6.45 26.91 11.75
CA LYS A 540 7.04 25.64 12.13
C LYS A 540 8.03 25.83 13.28
N GLU A 541 8.72 26.97 13.32
CA GLU A 541 9.63 27.22 14.41
C GLU A 541 8.89 27.42 15.74
N GLN A 542 7.81 28.22 15.74
CA GLN A 542 7.03 28.36 16.96
C GLN A 542 6.48 27.01 17.45
N LEU A 543 5.84 26.25 16.57
CA LEU A 543 5.24 24.99 16.99
C LEU A 543 6.27 24.10 17.63
N LYS A 544 7.43 23.98 16.99
CA LYS A 544 8.50 23.19 17.57
C LYS A 544 8.74 23.60 19.03
N THR A 545 8.84 24.91 19.28
CA THR A 545 9.05 25.37 20.66
C THR A 545 7.95 24.88 21.59
N VAL A 546 6.71 25.02 21.16
CA VAL A 546 5.62 24.72 22.06
C VAL A 546 5.55 23.23 22.30
N LEU A 547 5.81 22.41 21.24
CA LEU A 547 5.84 20.97 21.45
C LEU A 547 6.99 20.60 22.34
N GLY A 548 8.09 21.32 22.22
CA GLY A 548 9.18 21.13 23.15
C GLY A 548 8.69 21.27 24.57
N ASN A 549 7.85 22.28 24.80
CA ASN A 549 7.45 22.53 26.17
C ASN A 549 6.45 21.50 26.62
N PHE A 550 5.49 21.11 25.77
CA PHE A 550 4.56 20.06 26.21
C PHE A 550 5.34 18.80 26.54
N SER A 551 6.31 18.47 25.71
CA SER A 551 7.09 17.27 25.95
C SER A 551 7.82 17.33 27.30
N ALA A 552 8.43 18.48 27.63
CA ALA A 552 9.12 18.61 28.91
C ALA A 552 8.15 18.47 30.07
N PHE A 553 6.98 19.10 29.93
CA PHE A 553 5.95 19.01 30.95
C PHE A 553 5.49 17.57 31.19
N VAL A 554 5.25 16.80 30.12
CA VAL A 554 4.94 15.39 30.27
C VAL A 554 6.06 14.65 31.02
N ALA A 555 7.28 14.65 30.45
CA ALA A 555 8.41 13.97 31.09
C ALA A 555 8.54 14.34 32.55
N LYS A 556 8.51 15.64 32.85
CA LYS A 556 8.70 16.08 34.22
C LYS A 556 7.64 15.44 35.11
N CYS A 557 6.37 15.66 34.79
CA CYS A 557 5.30 15.20 35.66
C CYS A 557 5.26 13.68 35.72
N CYS A 558 5.58 13.01 34.63
CA CYS A 558 5.57 11.56 34.68
C CYS A 558 6.63 10.99 35.62
N GLY A 559 7.58 11.81 36.06
CA GLY A 559 8.49 11.38 37.10
C GLY A 559 8.18 11.94 38.46
N ALA A 560 7.14 12.76 38.58
CA ALA A 560 6.74 13.35 39.83
C ALA A 560 6.30 12.27 40.80
N GLU A 561 6.35 12.59 42.09
CA GLU A 561 5.78 11.68 43.08
C GLU A 561 4.27 11.73 42.99
N ASP A 562 3.70 12.94 43.13
CA ASP A 562 2.28 13.14 42.84
C ASP A 562 2.08 13.48 41.35
N LYS A 563 2.26 12.44 40.51
CA LYS A 563 2.05 12.57 39.07
C LYS A 563 0.82 13.38 38.77
N GLU A 564 -0.30 13.01 39.33
CA GLU A 564 -1.53 13.62 38.88
C GLU A 564 -1.65 15.06 39.38
N ALA A 565 -1.21 15.34 40.60
CA ALA A 565 -1.22 16.72 41.07
C ALA A 565 -0.16 17.56 40.36
N CYS A 566 0.91 16.94 39.88
CA CYS A 566 1.78 17.63 38.94
C CYS A 566 1.00 18.08 37.72
N PHE A 567 0.34 17.13 37.02
CA PHE A 567 -0.36 17.48 35.79
C PHE A 567 -1.41 18.53 36.09
N ALA A 568 -2.12 18.36 37.19
CA ALA A 568 -3.16 19.30 37.57
C ALA A 568 -2.63 20.71 37.67
N GLU A 569 -1.47 20.87 38.36
CA GLU A 569 -0.92 22.17 38.73
C GLU A 569 -0.15 22.82 37.59
N GLU A 570 0.55 22.05 36.76
CA GLU A 570 1.33 22.58 35.65
C GLU A 570 0.57 22.59 34.31
N GLY A 571 -0.36 21.67 34.10
CA GLY A 571 -1.10 21.59 32.87
C GLY A 571 -1.55 22.95 32.36
N PRO A 572 -2.41 23.62 33.12
CA PRO A 572 -3.10 24.81 32.58
C PRO A 572 -2.17 25.97 32.31
N LYS A 573 -1.18 26.16 33.18
CA LYS A 573 -0.12 27.14 32.93
C LYS A 573 0.42 26.96 31.52
N LEU A 574 0.76 25.73 31.18
CA LEU A 574 1.33 25.51 29.87
C LEU A 574 0.35 25.89 28.77
N VAL A 575 -0.91 25.52 28.94
CA VAL A 575 -1.88 25.78 27.88
C VAL A 575 -2.02 27.28 27.63
N ALA A 576 -2.16 28.05 28.71
CA ALA A 576 -2.25 29.50 28.55
C ALA A 576 -0.97 30.05 27.94
N SER A 577 0.17 29.63 28.47
CA SER A 577 1.43 30.10 27.94
C SER A 577 1.61 29.67 26.48
N SER A 578 1.02 28.51 26.08
CA SER A 578 1.19 28.05 24.72
C SER A 578 0.39 28.91 23.74
N GLN A 579 -0.83 29.29 24.12
CA GLN A 579 -1.57 30.17 23.22
C GLN A 579 -0.75 31.44 22.90
N LEU A 580 -0.20 32.10 23.92
CA LEU A 580 0.55 33.31 23.63
C LEU A 580 1.74 33.02 22.72
N ALA A 581 2.32 31.83 22.85
CA ALA A 581 3.51 31.53 22.10
C ALA A 581 3.21 31.37 20.64
N LEU A 582 2.03 30.84 20.31
CA LEU A 582 1.61 30.56 18.94
C LEU A 582 0.95 31.74 18.26
N ALA A 583 0.95 32.93 18.84
CA ALA A 583 0.49 34.09 18.12
C ALA A 583 1.26 34.26 16.81
#